data_6GKE
#
_entry.id   6GKE
#
_cell.length_a   132.320
_cell.length_b   48.650
_cell.length_c   57.610
_cell.angle_alpha   90.00
_cell.angle_beta   103.21
_cell.angle_gamma   90.00
#
_symmetry.space_group_name_H-M   'C 1 2 1'
#
loop_
_entity.id
_entity.type
_entity.pdbx_description
1 polymer 'Fucose-specific lectin'
2 branched alpha-L-fucopyranose-(1-6)-2-acetamido-2-deoxy-alpha-D-glucopyranose
3 non-polymer alpha-L-fucopyranose
4 non-polymer GLYCEROL
5 non-polymer 1,2-ETHANEDIOL
6 water water
#
_entity_poly.entity_id   1
_entity_poly.type   'polypeptide(L)'
_entity_poly.pdbx_seq_one_letter_code
;PTEFLYTSKIAAISWAATGGRQQRVYFQDLNGKIREAQRGGDNPWTGGSSQNVIGEAKLFSPLAAVTWKSAQGIQIRVYC
VNKDNILSEFVYDGSKWITGQLGSVGVKVGSNSKLAALQWGGSESAPPNIRVYYQKSNGSGSSIHEYVWSGKWTAGASFG
STVPGTGIGATAIGPGRLRIYYQATDNKIREHCWDSNSWYVGGFSASASAGVSIAAISWGSTPQIRVYWQKGREELYEAA
YGGSWNTPGQIKDASRPTPSLPDTFIAANSSGNIDISVFFQASGVSLQQWQWISGKGWSIGAVVPTGTPAGWLEHHHHHH
HHHH
;
_entity_poly.pdbx_strand_id   A
#
loop_
_chem_comp.id
_chem_comp.type
_chem_comp.name
_chem_comp.formula
EDO non-polymer 1,2-ETHANEDIOL 'C2 H6 O2'
FUC L-saccharide, alpha linking alpha-L-fucopyranose 'C6 H12 O5'
GOL non-polymer GLYCEROL 'C3 H8 O3'
NDG D-saccharide, alpha linking 2-acetamido-2-deoxy-alpha-D-glucopyranose 'C8 H15 N O6'
#
# COMPACT_ATOMS: atom_id res chain seq x y z
N PRO A 1 4.17 20.17 16.18
CA PRO A 1 4.30 19.71 14.81
C PRO A 1 5.18 18.45 14.74
N THR A 2 5.19 17.81 13.58
CA THR A 2 5.99 16.62 13.34
C THR A 2 6.77 16.77 12.05
N GLU A 3 7.52 15.73 11.71
CA GLU A 3 8.30 15.73 10.47
CA GLU A 3 8.34 15.64 10.50
C GLU A 3 7.60 14.93 9.37
N PHE A 4 6.33 14.56 9.59
CA PHE A 4 5.52 13.85 8.59
C PHE A 4 5.10 14.84 7.48
N LEU A 5 5.52 14.58 6.24
CA LEU A 5 5.16 15.44 5.14
C LEU A 5 3.65 15.38 4.92
N TYR A 6 3.01 16.55 4.87
CA TYR A 6 1.56 16.61 4.62
C TYR A 6 1.30 16.17 3.18
N THR A 7 0.38 15.21 3.04
CA THR A 7 0.01 14.53 1.76
C THR A 7 1.12 13.57 1.31
N SER A 8 2.02 13.18 2.21
CA SER A 8 2.85 12.00 2.01
C SER A 8 1.96 10.80 1.69
N LYS A 9 2.43 9.93 0.80
CA LYS A 9 1.84 8.62 0.70
C LYS A 9 2.32 7.77 1.88
N ILE A 10 1.65 6.64 2.07
CA ILE A 10 1.91 5.74 3.18
C ILE A 10 1.98 4.32 2.62
N ALA A 11 2.84 3.47 3.19
CA ALA A 11 2.83 2.04 2.89
C ALA A 11 2.99 1.27 4.19
N ALA A 12 2.40 0.08 4.27
CA ALA A 12 2.40 -0.67 5.52
C ALA A 12 2.45 -2.17 5.25
N ILE A 13 3.10 -2.88 6.17
CA ILE A 13 3.25 -4.33 6.13
C ILE A 13 3.05 -4.88 7.56
N SER A 14 2.77 -6.18 7.62
CA SER A 14 2.54 -6.87 8.88
C SER A 14 2.90 -8.35 8.69
N TRP A 15 3.42 -8.97 9.75
CA TRP A 15 3.63 -10.41 9.73
C TRP A 15 3.46 -10.98 11.13
N ALA A 16 3.03 -12.24 11.17
CA ALA A 16 2.89 -12.98 12.42
C ALA A 16 4.27 -13.26 13.00
N ALA A 17 4.39 -13.17 14.34
CA ALA A 17 5.65 -13.38 15.05
C ALA A 17 5.36 -13.87 16.48
N ARG A 21 1.91 -9.53 16.52
N ARG A 21 2.76 -10.07 16.69
CA ARG A 21 2.45 -9.41 15.16
CA ARG A 21 2.58 -9.44 15.36
C ARG A 21 3.57 -8.35 15.18
C ARG A 21 3.51 -8.24 15.15
N GLN A 22 4.30 -8.29 14.06
CA GLN A 22 5.21 -7.19 13.74
C GLN A 22 4.58 -6.37 12.61
N GLN A 23 4.61 -5.05 12.77
CA GLN A 23 4.15 -4.14 11.75
C GLN A 23 5.28 -3.15 11.41
N ARG A 24 5.33 -2.74 10.15
CA ARG A 24 6.15 -1.62 9.74
C ARG A 24 5.29 -0.69 8.89
N VAL A 25 5.49 0.61 9.08
CA VAL A 25 4.82 1.61 8.26
C VAL A 25 5.87 2.59 7.76
N TYR A 26 5.70 2.98 6.49
CA TYR A 26 6.62 3.83 5.74
C TYR A 26 5.89 5.11 5.35
N PHE A 27 6.59 6.23 5.49
CA PHE A 27 6.06 7.54 5.17
C PHE A 27 7.23 8.44 4.80
N GLN A 28 6.92 9.59 4.22
CA GLN A 28 7.96 10.53 3.81
C GLN A 28 8.02 11.70 4.79
N ASP A 29 9.25 12.16 5.03
CA ASP A 29 9.50 13.30 5.90
C ASP A 29 9.68 14.57 5.05
N LEU A 30 9.88 15.69 5.75
CA LEU A 30 9.95 17.01 5.09
C LEU A 30 11.16 17.13 4.17
N ASN A 31 12.18 16.29 4.41
CA ASN A 31 13.41 16.29 3.64
C ASN A 31 13.35 15.32 2.45
N GLY A 32 12.22 14.63 2.26
CA GLY A 32 12.07 13.67 1.19
C GLY A 32 12.56 12.27 1.52
N LYS A 33 13.05 12.04 2.74
CA LYS A 33 13.47 10.70 3.13
C LYS A 33 12.25 9.84 3.42
N ILE A 34 12.40 8.53 3.20
CA ILE A 34 11.40 7.56 3.59
C ILE A 34 11.81 7.02 4.96
N ARG A 35 10.91 7.18 5.94
CA ARG A 35 11.14 6.72 7.28
C ARG A 35 10.26 5.49 7.58
N GLU A 36 10.71 4.73 8.58
CA GLU A 36 10.02 3.56 9.06
C GLU A 36 9.65 3.74 10.53
N ALA A 37 8.43 3.32 10.88
CA ALA A 37 8.02 3.10 12.28
C ALA A 37 7.69 1.62 12.43
N GLN A 38 7.86 1.10 13.66
CA GLN A 38 7.73 -0.33 13.94
C GLN A 38 6.80 -0.55 15.12
N ARG A 39 6.08 -1.68 15.09
CA ARG A 39 5.31 -2.11 16.25
C ARG A 39 5.46 -3.62 16.41
N GLY A 40 5.65 -4.04 17.66
CA GLY A 40 5.58 -5.44 18.03
C GLY A 40 4.43 -5.68 18.98
N GLY A 41 3.50 -6.57 18.60
CA GLY A 41 2.30 -6.82 19.40
C GLY A 41 1.54 -5.53 19.63
N ASP A 42 1.12 -5.31 20.89
N ASP A 42 1.12 -5.31 20.89
CA ASP A 42 0.39 -4.08 21.25
CA ASP A 42 0.38 -4.11 21.27
C ASP A 42 1.29 -3.15 22.04
C ASP A 42 1.29 -3.17 22.09
N ASN A 43 2.61 -3.38 22.00
CA ASN A 43 3.59 -2.48 22.61
C ASN A 43 3.55 -1.14 21.88
N PRO A 44 3.98 -0.03 22.51
CA PRO A 44 4.00 1.26 21.81
C PRO A 44 4.80 1.21 20.51
N TRP A 45 4.32 1.94 19.51
CA TRP A 45 5.07 2.16 18.28
C TRP A 45 6.45 2.74 18.61
N THR A 46 7.46 2.32 17.84
CA THR A 46 8.79 2.87 17.86
C THR A 46 9.12 3.48 16.49
N GLY A 47 10.23 4.20 16.43
CA GLY A 47 10.78 4.68 15.18
C GLY A 47 10.15 6.00 14.73
N GLY A 48 10.12 6.17 13.41
CA GLY A 48 9.57 7.38 12.79
C GLY A 48 10.46 8.61 12.87
N SER A 49 11.68 8.49 13.42
CA SER A 49 12.57 9.64 13.62
C SER A 49 13.58 9.75 12.47
N SER A 50 14.44 10.76 12.55
CA SER A 50 15.51 10.95 11.57
C SER A 50 16.52 9.79 11.60
N GLN A 51 16.50 8.99 12.67
CA GLN A 51 17.37 7.81 12.78
C GLN A 51 16.73 6.56 12.16
N ASN A 52 15.56 6.72 11.52
CA ASN A 52 14.80 5.59 10.97
C ASN A 52 14.59 5.76 9.47
N VAL A 53 15.57 6.36 8.78
CA VAL A 53 15.51 6.54 7.34
C VAL A 53 15.92 5.23 6.66
N ILE A 54 15.11 4.79 5.69
CA ILE A 54 15.36 3.55 4.94
C ILE A 54 15.67 3.83 3.47
N GLY A 55 15.41 5.05 3.00
CA GLY A 55 15.62 5.42 1.62
C GLY A 55 15.18 6.85 1.40
N GLU A 56 15.03 7.23 0.14
CA GLU A 56 14.64 8.58 -0.22
C GLU A 56 13.95 8.52 -1.58
N ALA A 57 13.17 9.56 -1.87
CA ALA A 57 12.38 9.59 -3.09
C ALA A 57 12.06 11.04 -3.41
N LYS A 58 11.49 11.28 -4.59
CA LYS A 58 11.04 12.63 -4.88
C LYS A 58 10.02 13.04 -3.81
N LEU A 59 9.95 14.35 -3.53
CA LEU A 59 8.95 14.82 -2.60
C LEU A 59 7.56 14.42 -3.14
N PHE A 60 6.70 13.92 -2.25
CA PHE A 60 5.32 13.48 -2.56
C PHE A 60 5.34 12.22 -3.44
N SER A 61 6.44 11.46 -3.39
CA SER A 61 6.52 10.19 -4.11
C SER A 61 5.40 9.27 -3.68
N PRO A 62 4.84 8.47 -4.62
CA PRO A 62 4.00 7.36 -4.20
C PRO A 62 4.87 6.31 -3.49
N LEU A 63 4.22 5.45 -2.71
CA LEU A 63 4.90 4.39 -1.95
C LEU A 63 4.06 3.11 -2.01
N ALA A 64 4.75 1.97 -1.95
CA ALA A 64 4.14 0.68 -1.73
C ALA A 64 5.17 -0.22 -1.05
N ALA A 65 4.73 -1.29 -0.40
CA ALA A 65 5.68 -2.16 0.28
C ALA A 65 5.12 -3.58 0.38
N VAL A 66 6.05 -4.55 0.36
CA VAL A 66 5.73 -5.98 0.58
C VAL A 66 6.79 -6.60 1.49
N THR A 67 6.46 -7.76 2.06
CA THR A 67 7.38 -8.48 2.94
C THR A 67 7.12 -9.98 2.83
N TRP A 68 8.17 -10.74 3.13
CA TRP A 68 8.11 -12.19 3.29
C TRP A 68 9.30 -12.62 4.14
N LYS A 69 9.28 -13.86 4.61
CA LYS A 69 10.39 -14.39 5.38
CA LYS A 69 10.36 -14.44 5.40
C LYS A 69 11.26 -15.27 4.46
N SER A 70 12.57 -15.12 4.58
CA SER A 70 13.53 -15.85 3.78
C SER A 70 14.58 -16.48 4.69
N ALA A 71 15.47 -17.27 4.09
CA ALA A 71 16.53 -17.88 4.85
C ALA A 71 17.47 -16.83 5.46
N GLN A 72 17.49 -15.61 4.89
CA GLN A 72 18.40 -14.54 5.36
CA GLN A 72 18.39 -14.54 5.34
C GLN A 72 17.70 -13.64 6.39
N GLY A 73 16.41 -13.89 6.65
CA GLY A 73 15.64 -13.10 7.60
C GLY A 73 14.43 -12.47 6.94
N ILE A 74 13.88 -11.45 7.59
CA ILE A 74 12.73 -10.74 7.06
C ILE A 74 13.18 -9.93 5.85
N GLN A 75 12.50 -10.15 4.72
CA GLN A 75 12.70 -9.37 3.52
CA GLN A 75 12.68 -9.39 3.50
C GLN A 75 11.61 -8.30 3.41
N ILE A 76 12.02 -7.07 3.13
CA ILE A 76 11.08 -5.99 2.86
C ILE A 76 11.51 -5.33 1.55
N ARG A 77 10.51 -4.94 0.75
CA ARG A 77 10.75 -4.12 -0.43
C ARG A 77 9.82 -2.92 -0.35
N VAL A 78 10.39 -1.72 -0.52
CA VAL A 78 9.65 -0.48 -0.53
C VAL A 78 9.84 0.17 -1.90
N TYR A 79 8.71 0.41 -2.59
CA TYR A 79 8.69 0.99 -3.93
C TYR A 79 8.35 2.47 -3.83
N CYS A 80 9.00 3.25 -4.70
CA CYS A 80 8.87 4.68 -4.72
C CYS A 80 9.31 5.18 -6.10
N VAL A 81 9.39 6.50 -6.27
CA VAL A 81 9.79 7.13 -7.50
CA VAL A 81 9.96 7.02 -7.51
C VAL A 81 10.93 8.13 -7.17
N ASN A 82 11.99 8.19 -7.99
CA ASN A 82 13.06 9.16 -7.79
C ASN A 82 12.68 10.48 -8.46
N LYS A 83 13.61 11.45 -8.45
CA LYS A 83 13.32 12.80 -8.91
CA LYS A 83 13.29 12.80 -8.89
C LYS A 83 13.21 12.87 -10.43
N ASP A 84 13.60 11.79 -11.12
CA ASP A 84 13.42 11.66 -12.56
C ASP A 84 12.20 10.79 -12.90
N ASN A 85 11.35 10.54 -11.90
CA ASN A 85 10.14 9.75 -12.06
C ASN A 85 10.46 8.32 -12.55
N ILE A 86 11.58 7.78 -12.06
CA ILE A 86 11.92 6.39 -12.35
C ILE A 86 11.53 5.53 -11.13
N LEU A 87 10.81 4.45 -11.41
CA LEU A 87 10.38 3.50 -10.40
C LEU A 87 11.61 2.92 -9.71
N SER A 88 11.63 2.98 -8.38
CA SER A 88 12.78 2.67 -7.56
C SER A 88 12.35 1.79 -6.39
N GLU A 89 13.35 1.16 -5.77
CA GLU A 89 13.12 0.13 -4.77
C GLU A 89 14.21 0.17 -3.70
N PHE A 90 13.78 0.14 -2.44
CA PHE A 90 14.67 -0.08 -1.31
C PHE A 90 14.41 -1.48 -0.76
N VAL A 91 15.51 -2.13 -0.39
CA VAL A 91 15.54 -3.52 0.03
C VAL A 91 15.99 -3.58 1.49
N TYR A 92 15.21 -4.27 2.34
CA TYR A 92 15.73 -4.78 3.58
C TYR A 92 16.00 -6.26 3.33
N ASP A 93 17.27 -6.65 3.44
CA ASP A 93 17.74 -7.95 2.97
C ASP A 93 17.80 -8.98 4.11
N GLY A 94 17.15 -8.67 5.25
CA GLY A 94 17.20 -9.51 6.44
C GLY A 94 18.11 -8.91 7.51
N SER A 95 19.03 -8.02 7.12
CA SER A 95 19.95 -7.43 8.09
CA SER A 95 20.06 -7.46 8.01
C SER A 95 20.20 -5.94 7.85
N LYS A 96 20.04 -5.45 6.61
CA LYS A 96 20.34 -4.05 6.31
C LYS A 96 19.47 -3.54 5.17
N TRP A 97 19.37 -2.22 5.09
CA TRP A 97 18.71 -1.51 4.02
C TRP A 97 19.72 -1.12 2.95
N ILE A 98 19.39 -1.46 1.69
CA ILE A 98 20.18 -1.11 0.51
C ILE A 98 19.23 -0.69 -0.61
N THR A 99 19.81 -0.19 -1.70
CA THR A 99 19.07 0.09 -2.90
C THR A 99 18.89 -1.19 -3.70
N GLY A 100 17.65 -1.49 -4.12
CA GLY A 100 17.33 -2.66 -4.90
C GLY A 100 17.55 -2.45 -6.38
N GLN A 101 17.39 -3.54 -7.15
CA GLN A 101 17.73 -3.57 -8.56
C GLN A 101 16.67 -2.91 -9.46
N LEU A 102 15.45 -2.67 -8.97
CA LEU A 102 14.38 -2.23 -9.89
C LEU A 102 14.71 -0.88 -10.53
N GLY A 103 15.35 0.04 -9.80
CA GLY A 103 15.66 1.38 -10.33
C GLY A 103 16.50 1.32 -11.60
N SER A 104 17.34 0.30 -11.73
CA SER A 104 18.25 0.16 -12.87
CA SER A 104 18.26 0.14 -12.86
C SER A 104 17.50 -0.23 -14.15
N VAL A 105 16.24 -0.66 -14.03
CA VAL A 105 15.47 -1.12 -15.19
C VAL A 105 15.07 0.06 -16.09
N GLY A 106 14.75 1.21 -15.51
CA GLY A 106 14.34 2.39 -16.28
C GLY A 106 12.85 2.44 -16.58
N VAL A 107 12.04 2.15 -15.58
CA VAL A 107 10.58 2.25 -15.72
C VAL A 107 10.15 3.68 -15.37
N LYS A 108 9.71 4.44 -16.37
CA LYS A 108 9.24 5.81 -16.14
CA LYS A 108 9.23 5.80 -16.17
C LYS A 108 7.78 5.76 -15.68
N VAL A 109 7.49 6.53 -14.63
CA VAL A 109 6.19 6.58 -14.00
C VAL A 109 5.62 7.99 -14.20
N GLY A 110 4.30 8.06 -14.44
CA GLY A 110 3.63 9.35 -14.49
C GLY A 110 3.82 10.12 -13.19
N SER A 111 3.99 11.44 -13.26
CA SER A 111 4.36 12.19 -12.07
C SER A 111 3.33 12.02 -10.94
N ASN A 112 2.04 11.90 -11.29
CA ASN A 112 0.98 11.80 -10.30
C ASN A 112 0.53 10.35 -10.07
N SER A 113 1.29 9.37 -10.57
CA SER A 113 0.92 7.97 -10.38
C SER A 113 0.95 7.60 -8.90
N LYS A 114 0.03 6.70 -8.53
CA LYS A 114 0.16 5.97 -7.28
C LYS A 114 0.91 4.68 -7.56
N LEU A 115 1.26 3.95 -6.49
CA LEU A 115 1.90 2.65 -6.60
C LEU A 115 1.16 1.65 -5.72
N ALA A 116 1.10 0.41 -6.18
CA ALA A 116 0.67 -0.69 -5.35
C ALA A 116 1.61 -1.87 -5.61
N ALA A 117 1.70 -2.78 -4.64
CA ALA A 117 2.51 -3.96 -4.82
C ALA A 117 1.87 -5.13 -4.08
N LEU A 118 2.16 -6.33 -4.58
CA LEU A 118 1.78 -7.56 -3.90
C LEU A 118 2.93 -8.56 -4.02
N GLN A 119 2.85 -9.61 -3.20
CA GLN A 119 3.83 -10.67 -3.22
C GLN A 119 3.14 -11.97 -2.82
N TRP A 120 3.58 -13.07 -3.42
CA TRP A 120 3.19 -14.39 -2.90
C TRP A 120 4.34 -15.37 -3.10
N GLY A 121 4.37 -16.38 -2.22
CA GLY A 121 5.19 -17.55 -2.40
C GLY A 121 6.50 -17.52 -1.63
N GLY A 122 7.04 -16.33 -1.36
CA GLY A 122 8.36 -16.26 -0.74
C GLY A 122 8.34 -16.85 0.66
N SER A 123 9.35 -17.69 0.94
CA SER A 123 9.49 -18.36 2.21
C SER A 123 10.94 -18.82 2.36
N GLU A 124 11.21 -19.58 3.41
CA GLU A 124 12.51 -20.17 3.61
C GLU A 124 12.72 -21.40 2.71
N SER A 125 11.71 -21.78 1.90
CA SER A 125 11.86 -22.93 1.02
CA SER A 125 11.79 -22.95 1.05
C SER A 125 11.28 -22.68 -0.38
N ALA A 126 11.01 -21.40 -0.70
CA ALA A 126 10.47 -21.06 -2.02
C ALA A 126 10.77 -19.60 -2.32
N PRO A 127 10.97 -19.24 -3.61
CA PRO A 127 11.28 -17.86 -3.96
C PRO A 127 10.06 -16.95 -3.96
N PRO A 128 10.27 -15.63 -3.79
CA PRO A 128 9.18 -14.67 -3.83
C PRO A 128 8.73 -14.38 -5.26
N ASN A 129 7.48 -13.94 -5.37
CA ASN A 129 6.91 -13.45 -6.61
C ASN A 129 6.30 -12.09 -6.31
N ILE A 130 6.86 -11.04 -6.91
CA ILE A 130 6.43 -9.65 -6.63
C ILE A 130 5.78 -9.09 -7.89
N ARG A 131 4.73 -8.29 -7.68
CA ARG A 131 4.12 -7.53 -8.77
C ARG A 131 3.94 -6.09 -8.28
N VAL A 132 4.33 -5.13 -9.13
CA VAL A 132 4.25 -3.72 -8.83
C VAL A 132 3.37 -3.06 -9.89
N TYR A 133 2.43 -2.22 -9.45
CA TYR A 133 1.44 -1.58 -10.31
C TYR A 133 1.64 -0.07 -10.26
N TYR A 134 1.58 0.55 -11.44
CA TYR A 134 1.91 1.95 -11.61
C TYR A 134 1.21 2.46 -12.87
N GLN A 135 1.23 3.77 -13.08
CA GLN A 135 0.74 4.37 -14.31
C GLN A 135 1.88 5.14 -14.99
N LYS A 136 1.80 5.20 -16.32
CA LYS A 136 2.76 5.92 -17.14
CA LYS A 136 2.76 5.92 -17.15
C LYS A 136 2.28 7.35 -17.40
N SER A 137 0.96 7.57 -17.39
CA SER A 137 0.34 8.82 -17.79
CA SER A 137 0.40 8.86 -17.74
CA SER A 137 0.35 8.83 -17.78
C SER A 137 -0.58 9.33 -16.67
N ASN A 138 -0.70 10.65 -16.57
CA ASN A 138 -1.49 11.32 -15.55
C ASN A 138 -2.94 11.52 -15.97
N GLY A 139 -3.24 11.42 -17.27
CA GLY A 139 -4.53 11.85 -17.80
C GLY A 139 -5.65 10.86 -17.52
N SER A 140 -6.87 11.39 -17.57
CA SER A 140 -8.06 10.56 -17.51
C SER A 140 -8.00 9.50 -18.61
N GLY A 141 -8.34 8.27 -18.24
CA GLY A 141 -8.41 7.16 -19.16
C GLY A 141 -7.11 6.37 -19.26
N SER A 142 -6.09 6.73 -18.47
CA SER A 142 -4.80 6.05 -18.48
C SER A 142 -4.95 4.60 -17.97
N SER A 143 -4.05 3.74 -18.42
CA SER A 143 -4.07 2.35 -17.98
CA SER A 143 -3.98 2.33 -18.03
C SER A 143 -3.19 2.17 -16.74
N ILE A 144 -3.38 1.01 -16.10
CA ILE A 144 -2.49 0.52 -15.08
CA ILE A 144 -2.52 0.48 -15.05
C ILE A 144 -1.51 -0.46 -15.73
N HIS A 145 -0.23 -0.31 -15.37
CA HIS A 145 0.83 -1.16 -15.85
C HIS A 145 1.40 -1.96 -14.68
N GLU A 146 2.00 -3.11 -15.02
CA GLU A 146 2.53 -4.05 -14.05
C GLU A 146 4.00 -4.34 -14.37
N TYR A 147 4.83 -4.36 -13.32
CA TYR A 147 6.20 -4.89 -13.43
C TYR A 147 6.27 -6.14 -12.55
N VAL A 148 7.05 -7.12 -13.02
CA VAL A 148 6.99 -8.50 -12.56
C VAL A 148 8.38 -8.94 -12.07
N TRP A 149 8.45 -9.47 -10.84
CA TRP A 149 9.64 -10.20 -10.37
CA TRP A 149 9.64 -10.20 -10.42
C TRP A 149 9.24 -11.63 -10.06
N SER A 150 9.68 -12.56 -10.90
CA SER A 150 9.63 -13.97 -10.56
C SER A 150 10.99 -14.59 -10.95
N GLY A 151 12.05 -13.91 -10.51
CA GLY A 151 13.45 -14.29 -10.69
C GLY A 151 14.29 -13.15 -11.27
N LYS A 152 13.65 -12.30 -12.07
CA LYS A 152 14.25 -11.14 -12.74
C LYS A 152 13.10 -10.16 -12.99
N TRP A 153 13.39 -8.86 -13.08
CA TRP A 153 12.34 -7.90 -13.40
C TRP A 153 12.03 -7.92 -14.90
N THR A 154 10.74 -7.97 -15.22
CA THR A 154 10.28 -7.82 -16.59
CA THR A 154 10.21 -7.93 -16.59
C THR A 154 8.88 -7.19 -16.58
N ALA A 155 8.49 -6.63 -17.72
CA ALA A 155 7.19 -6.02 -17.84
C ALA A 155 6.10 -7.10 -17.80
N GLY A 156 4.96 -6.72 -17.23
CA GLY A 156 3.77 -7.54 -17.24
C GLY A 156 2.65 -6.89 -18.03
N ALA A 157 1.45 -6.96 -17.46
CA ALA A 157 0.23 -6.56 -18.14
C ALA A 157 0.01 -5.05 -18.09
N SER A 158 -0.94 -4.62 -18.92
CA SER A 158 -1.55 -3.31 -18.75
CA SER A 158 -1.53 -3.28 -18.93
C SER A 158 -3.06 -3.45 -18.99
N PHE A 159 -3.82 -2.71 -18.18
CA PHE A 159 -5.26 -2.88 -18.14
C PHE A 159 -5.92 -1.65 -17.50
N GLY A 160 -7.22 -1.49 -17.76
CA GLY A 160 -8.01 -0.48 -17.10
C GLY A 160 -7.97 0.85 -17.81
N SER A 161 -8.96 1.69 -17.47
CA SER A 161 -9.05 3.06 -17.91
C SER A 161 -9.51 3.89 -16.70
N THR A 162 -8.62 4.75 -16.18
CA THR A 162 -8.76 5.20 -14.79
C THR A 162 -9.00 6.70 -14.70
N VAL A 163 -9.47 7.12 -13.52
CA VAL A 163 -9.39 8.53 -13.15
C VAL A 163 -7.92 8.94 -13.13
N PRO A 164 -7.62 10.24 -13.32
CA PRO A 164 -6.24 10.71 -13.24
C PRO A 164 -5.60 10.31 -11.90
N GLY A 165 -4.43 9.68 -11.95
CA GLY A 165 -3.72 9.35 -10.72
C GLY A 165 -4.52 8.50 -9.77
N THR A 166 -5.28 7.53 -10.30
CA THR A 166 -6.14 6.66 -9.49
C THR A 166 -5.39 6.04 -8.31
N GLY A 167 -6.13 5.85 -7.22
CA GLY A 167 -5.72 4.88 -6.22
C GLY A 167 -5.62 3.50 -6.84
N ILE A 168 -4.74 2.67 -6.28
CA ILE A 168 -4.56 1.28 -6.71
C ILE A 168 -4.40 0.43 -5.47
N GLY A 169 -5.23 -0.60 -5.34
CA GLY A 169 -5.09 -1.65 -4.34
C GLY A 169 -4.67 -2.94 -5.01
N ALA A 170 -3.78 -3.71 -4.39
CA ALA A 170 -3.28 -4.94 -5.01
C ALA A 170 -3.11 -6.00 -3.92
N THR A 171 -3.70 -7.19 -4.14
CA THR A 171 -3.55 -8.25 -3.16
C THR A 171 -3.47 -9.60 -3.87
N ALA A 172 -2.62 -10.48 -3.32
CA ALA A 172 -2.55 -11.88 -3.75
C ALA A 172 -3.50 -12.68 -2.86
N ILE A 173 -4.65 -13.06 -3.41
CA ILE A 173 -5.71 -13.70 -2.63
C ILE A 173 -5.43 -15.20 -2.45
N GLY A 174 -4.46 -15.72 -3.20
CA GLY A 174 -4.00 -17.09 -3.09
C GLY A 174 -2.75 -17.23 -3.93
N PRO A 175 -2.11 -18.41 -3.97
CA PRO A 175 -0.89 -18.58 -4.73
C PRO A 175 -1.11 -18.25 -6.22
N GLY A 176 -0.46 -17.19 -6.69
CA GLY A 176 -0.56 -16.77 -8.08
C GLY A 176 -1.96 -16.31 -8.47
N ARG A 177 -2.77 -15.90 -7.49
CA ARG A 177 -4.14 -15.42 -7.73
CA ARG A 177 -4.13 -15.44 -7.72
C ARG A 177 -4.20 -13.98 -7.26
N LEU A 178 -4.43 -13.06 -8.20
CA LEU A 178 -4.24 -11.63 -7.96
C LEU A 178 -5.55 -10.88 -8.13
N ARG A 179 -5.76 -9.86 -7.30
CA ARG A 179 -6.90 -8.96 -7.46
C ARG A 179 -6.39 -7.52 -7.32
N ILE A 180 -6.71 -6.70 -8.32
CA ILE A 180 -6.28 -5.32 -8.42
C ILE A 180 -7.52 -4.44 -8.45
N TYR A 181 -7.53 -3.40 -7.61
CA TYR A 181 -8.66 -2.49 -7.45
C TYR A 181 -8.20 -1.09 -7.84
N TYR A 182 -9.05 -0.38 -8.59
CA TYR A 182 -8.70 0.95 -9.08
C TYR A 182 -10.00 1.70 -9.34
N GLN A 183 -9.91 3.02 -9.56
CA GLN A 183 -11.08 3.81 -9.82
C GLN A 183 -11.13 4.17 -11.32
N ALA A 184 -12.19 3.69 -11.97
CA ALA A 184 -12.37 3.89 -13.41
C ALA A 184 -12.94 5.28 -13.67
N THR A 185 -13.03 5.64 -14.95
CA THR A 185 -13.38 6.99 -15.36
C THR A 185 -14.83 7.36 -14.98
N ASP A 186 -15.68 6.38 -14.67
CA ASP A 186 -17.05 6.64 -14.19
C ASP A 186 -17.10 6.79 -12.66
N ASN A 187 -15.92 6.89 -12.02
CA ASN A 187 -15.72 7.01 -10.56
C ASN A 187 -16.09 5.74 -9.79
N LYS A 188 -16.38 4.64 -10.49
CA LYS A 188 -16.58 3.38 -9.82
C LYS A 188 -15.24 2.73 -9.55
N ILE A 189 -15.10 2.17 -8.35
CA ILE A 189 -14.03 1.21 -8.04
CA ILE A 189 -14.02 1.26 -8.10
C ILE A 189 -14.34 -0.04 -8.85
N ARG A 190 -13.34 -0.55 -9.58
CA ARG A 190 -13.45 -1.76 -10.37
C ARG A 190 -12.32 -2.71 -9.97
N GLU A 191 -12.40 -3.93 -10.50
CA GLU A 191 -11.55 -5.03 -10.10
C GLU A 191 -11.04 -5.74 -11.34
N HIS A 192 -9.73 -6.05 -11.37
CA HIS A 192 -9.12 -6.86 -12.42
C HIS A 192 -8.50 -8.08 -11.75
N CYS A 193 -8.62 -9.24 -12.41
CA CYS A 193 -8.36 -10.52 -11.77
C CYS A 193 -7.42 -11.38 -12.60
N TRP A 194 -6.52 -12.09 -11.92
CA TRP A 194 -5.72 -13.15 -12.51
C TRP A 194 -5.86 -14.38 -11.63
N ASP A 195 -6.28 -15.50 -12.23
CA ASP A 195 -6.37 -16.78 -11.50
C ASP A 195 -5.29 -17.77 -11.97
N SER A 196 -5.01 -17.82 -13.28
CA SER A 196 -4.15 -18.88 -13.78
C SER A 196 -3.31 -18.42 -14.97
N ASN A 197 -3.95 -17.96 -16.06
CA ASN A 197 -3.27 -17.76 -17.33
CA ASN A 197 -3.21 -17.72 -17.30
C ASN A 197 -3.72 -16.48 -18.06
N SER A 198 -4.56 -15.66 -17.41
CA SER A 198 -5.13 -14.50 -18.10
C SER A 198 -5.72 -13.52 -17.08
N TRP A 199 -5.77 -12.26 -17.48
CA TRP A 199 -6.48 -11.23 -16.75
C TRP A 199 -7.93 -11.16 -17.21
N TYR A 200 -8.85 -10.95 -16.27
CA TYR A 200 -10.24 -10.77 -16.61
C TYR A 200 -10.88 -9.74 -15.66
N VAL A 201 -11.97 -9.14 -16.14
CA VAL A 201 -12.70 -8.14 -15.37
C VAL A 201 -13.47 -8.83 -14.25
N GLY A 202 -13.25 -8.37 -13.01
CA GLY A 202 -13.91 -8.93 -11.85
C GLY A 202 -15.31 -8.41 -11.67
N GLY A 203 -16.04 -9.09 -10.78
CA GLY A 203 -17.44 -8.77 -10.51
C GLY A 203 -17.64 -7.60 -9.56
N PHE A 204 -16.60 -7.21 -8.80
CA PHE A 204 -16.73 -6.15 -7.80
C PHE A 204 -16.82 -4.78 -8.47
N SER A 205 -17.76 -3.95 -8.00
CA SER A 205 -17.73 -2.53 -8.30
C SER A 205 -18.44 -1.76 -7.20
N ALA A 206 -18.03 -0.50 -7.02
CA ALA A 206 -18.63 0.37 -6.01
C ALA A 206 -18.41 1.83 -6.39
N SER A 207 -19.47 2.64 -6.30
CA SER A 207 -19.36 4.08 -6.46
CA SER A 207 -19.33 4.08 -6.48
C SER A 207 -18.53 4.67 -5.31
N ALA A 208 -17.67 5.62 -5.63
CA ALA A 208 -16.85 6.31 -4.64
C ALA A 208 -16.59 7.74 -5.10
N SER A 209 -16.29 8.61 -4.13
CA SER A 209 -15.88 9.97 -4.41
C SER A 209 -14.73 9.96 -5.42
N ALA A 210 -14.70 10.92 -6.35
CA ALA A 210 -13.59 11.03 -7.27
C ALA A 210 -12.28 11.18 -6.51
N GLY A 211 -11.28 10.37 -6.85
CA GLY A 211 -9.92 10.52 -6.34
C GLY A 211 -9.66 9.86 -4.99
N VAL A 212 -10.49 8.90 -4.57
CA VAL A 212 -10.24 8.20 -3.31
C VAL A 212 -8.89 7.47 -3.34
N SER A 213 -8.27 7.40 -2.16
CA SER A 213 -7.12 6.54 -1.91
C SER A 213 -7.63 5.13 -1.61
N ILE A 214 -7.01 4.11 -2.24
CA ILE A 214 -7.52 2.74 -2.21
C ILE A 214 -6.45 1.82 -1.63
N ALA A 215 -6.88 0.83 -0.84
CA ALA A 215 -6.00 -0.22 -0.36
C ALA A 215 -6.78 -1.53 -0.37
N ALA A 216 -6.08 -2.66 -0.44
CA ALA A 216 -6.76 -3.96 -0.43
C ALA A 216 -5.88 -4.98 0.29
N ILE A 217 -6.55 -5.88 1.02
CA ILE A 217 -5.91 -6.98 1.72
C ILE A 217 -6.75 -8.25 1.49
N SER A 218 -6.17 -9.40 1.81
CA SER A 218 -6.87 -10.65 1.70
C SER A 218 -6.19 -11.69 2.59
N TRP A 219 -6.94 -12.74 2.93
CA TRP A 219 -6.40 -13.85 3.69
C TRP A 219 -7.32 -15.04 3.55
N GLY A 220 -6.83 -16.20 3.97
CA GLY A 220 -7.67 -17.35 4.19
C GLY A 220 -7.92 -18.17 2.93
N SER A 221 -8.97 -19.00 3.01
CA SER A 221 -9.25 -20.05 2.05
C SER A 221 -10.44 -19.73 1.14
N THR A 222 -11.36 -18.88 1.62
CA THR A 222 -12.54 -18.55 0.81
C THR A 222 -12.16 -17.95 -0.54
N PRO A 223 -11.25 -16.96 -0.61
CA PRO A 223 -10.61 -16.23 0.47
C PRO A 223 -11.46 -15.03 0.92
N GLN A 224 -11.09 -14.46 2.07
CA GLN A 224 -11.60 -13.18 2.51
C GLN A 224 -10.82 -12.06 1.79
N ILE A 225 -11.56 -11.07 1.28
CA ILE A 225 -10.94 -9.89 0.69
C ILE A 225 -11.57 -8.68 1.37
N ARG A 226 -10.75 -7.65 1.65
CA ARG A 226 -11.27 -6.37 2.11
C ARG A 226 -10.65 -5.28 1.23
N VAL A 227 -11.51 -4.41 0.71
CA VAL A 227 -11.10 -3.27 -0.10
C VAL A 227 -11.48 -2.02 0.67
N TYR A 228 -10.50 -1.12 0.85
CA TYR A 228 -10.66 0.12 1.59
C TYR A 228 -10.55 1.30 0.64
N TRP A 229 -11.35 2.34 0.88
CA TRP A 229 -11.13 3.59 0.17
C TRP A 229 -11.51 4.77 1.07
N GLN A 230 -10.83 5.88 0.83
CA GLN A 230 -11.06 7.07 1.62
C GLN A 230 -10.61 8.29 0.82
N LYS A 231 -11.49 9.31 0.79
CA LYS A 231 -11.12 10.64 0.39
C LYS A 231 -10.77 11.42 1.66
N GLY A 232 -9.72 12.24 1.61
CA GLY A 232 -9.31 12.97 2.80
C GLY A 232 -10.46 13.81 3.33
N ARG A 233 -10.63 13.76 4.66
CA ARG A 233 -11.69 14.44 5.41
CA ARG A 233 -11.69 14.45 5.42
C ARG A 233 -13.08 13.90 5.01
N GLU A 234 -13.12 12.65 4.57
CA GLU A 234 -14.36 11.87 4.47
C GLU A 234 -14.13 10.57 5.23
N GLU A 235 -15.19 9.83 5.53
CA GLU A 235 -15.03 8.59 6.29
C GLU A 235 -14.43 7.50 5.39
N LEU A 236 -13.72 6.57 6.05
CA LEU A 236 -13.20 5.36 5.46
C LEU A 236 -14.35 4.41 5.10
N TYR A 237 -14.25 3.79 3.92
CA TYR A 237 -15.16 2.75 3.47
C TYR A 237 -14.43 1.41 3.38
N GLU A 238 -15.19 0.34 3.64
CA GLU A 238 -14.72 -1.02 3.43
C GLU A 238 -15.78 -1.81 2.66
N ALA A 239 -15.33 -2.52 1.61
CA ALA A 239 -16.12 -3.57 0.97
C ALA A 239 -15.51 -4.91 1.36
N ALA A 240 -16.36 -5.88 1.71
CA ALA A 240 -15.90 -7.17 2.19
C ALA A 240 -16.43 -8.29 1.30
N TYR A 241 -15.51 -9.19 0.91
CA TYR A 241 -15.83 -10.40 0.19
C TYR A 241 -15.60 -11.60 1.09
N GLY A 242 -16.63 -12.44 1.21
CA GLY A 242 -16.54 -13.72 1.93
C GLY A 242 -17.19 -14.84 1.15
N GLY A 243 -17.14 -14.74 -0.18
CA GLY A 243 -17.85 -15.63 -1.11
C GLY A 243 -18.74 -14.82 -2.03
N SER A 244 -19.25 -13.71 -1.49
CA SER A 244 -19.92 -12.66 -2.24
CA SER A 244 -19.95 -12.66 -2.21
C SER A 244 -19.50 -11.32 -1.63
N TRP A 245 -19.74 -10.23 -2.37
CA TRP A 245 -19.44 -8.90 -1.90
C TRP A 245 -20.64 -8.35 -1.12
N ASN A 246 -20.34 -7.69 0.00
CA ASN A 246 -21.36 -6.99 0.76
C ASN A 246 -21.57 -5.60 0.16
N THR A 247 -22.54 -4.88 0.74
CA THR A 247 -22.70 -3.46 0.50
C THR A 247 -21.59 -2.74 1.26
N PRO A 248 -20.80 -1.86 0.63
CA PRO A 248 -19.74 -1.17 1.36
C PRO A 248 -20.31 -0.41 2.56
N GLY A 249 -19.53 -0.34 3.64
CA GLY A 249 -19.91 0.37 4.83
C GLY A 249 -18.78 1.26 5.32
N GLN A 250 -19.16 2.33 6.01
CA GLN A 250 -18.22 3.25 6.61
C GLN A 250 -17.65 2.65 7.90
N ILE A 251 -16.36 2.87 8.10
CA ILE A 251 -15.66 2.63 9.36
C ILE A 251 -15.47 4.00 9.99
N LYS A 252 -16.16 4.25 11.09
CA LYS A 252 -16.18 5.59 11.64
C LYS A 252 -16.44 5.55 13.14
N ASP A 253 -16.16 6.70 13.76
CA ASP A 253 -16.28 6.95 15.17
C ASP A 253 -17.10 8.24 15.32
N ALA A 254 -18.28 8.14 15.93
CA ALA A 254 -19.19 9.27 16.03
C ALA A 254 -18.55 10.44 16.79
N SER A 255 -17.61 10.14 17.70
CA SER A 255 -16.94 11.16 18.52
C SER A 255 -15.79 11.83 17.76
N ARG A 256 -15.34 11.22 16.67
CA ARG A 256 -14.21 11.71 15.86
C ARG A 256 -14.58 11.64 14.40
N PRO A 257 -15.54 12.48 13.92
CA PRO A 257 -15.95 12.42 12.53
C PRO A 257 -14.79 12.76 11.58
N THR A 258 -14.82 12.10 10.42
CA THR A 258 -13.92 12.34 9.28
C THR A 258 -12.53 12.78 9.76
N PRO A 259 -11.81 11.90 10.49
CA PRO A 259 -10.61 12.34 11.21
C PRO A 259 -9.36 12.64 10.37
N SER A 260 -9.37 12.31 9.07
CA SER A 260 -8.22 12.59 8.21
C SER A 260 -8.27 14.03 7.68
N LEU A 261 -7.11 14.54 7.28
CA LEU A 261 -7.02 15.83 6.63
C LEU A 261 -7.39 15.72 5.16
N PRO A 262 -7.78 16.86 4.53
CA PRO A 262 -8.02 16.86 3.09
C PRO A 262 -6.81 16.35 2.30
N ASP A 263 -7.10 15.64 1.20
CA ASP A 263 -6.12 15.32 0.13
C ASP A 263 -5.03 14.34 0.63
N THR A 264 -5.33 13.58 1.68
CA THR A 264 -4.40 12.64 2.28
C THR A 264 -4.68 11.21 1.79
N PHE A 265 -3.79 10.30 2.16
CA PHE A 265 -3.78 8.93 1.66
C PHE A 265 -3.98 7.92 2.79
N ILE A 266 -4.29 6.69 2.41
CA ILE A 266 -4.38 5.57 3.36
C ILE A 266 -3.42 4.46 2.92
N ALA A 267 -3.20 3.52 3.85
CA ALA A 267 -2.53 2.26 3.55
C ALA A 267 -3.09 1.21 4.51
N ALA A 268 -3.07 -0.05 4.10
CA ALA A 268 -3.57 -1.12 4.96
C ALA A 268 -2.52 -2.23 5.06
N ASN A 269 -2.52 -2.90 6.21
CA ASN A 269 -1.79 -4.15 6.35
C ASN A 269 -2.71 -5.18 7.00
N SER A 270 -2.26 -6.43 6.95
CA SER A 270 -2.96 -7.52 7.61
C SER A 270 -1.99 -8.68 7.79
N SER A 271 -2.26 -9.49 8.81
CA SER A 271 -1.59 -10.75 9.00
C SER A 271 -2.41 -11.56 10.01
N GLY A 272 -2.06 -12.84 10.16
CA GLY A 272 -2.80 -13.70 11.05
C GLY A 272 -4.20 -13.98 10.52
N ASN A 273 -5.16 -14.13 11.43
CA ASN A 273 -6.53 -14.51 11.06
C ASN A 273 -7.51 -13.95 12.10
N ILE A 274 -7.68 -12.63 12.17
CA ILE A 274 -7.07 -11.64 11.29
C ILE A 274 -6.80 -10.37 12.12
N ASP A 275 -5.65 -9.75 11.85
CA ASP A 275 -5.28 -8.45 12.37
C ASP A 275 -5.21 -7.48 11.18
N ILE A 276 -5.84 -6.30 11.32
CA ILE A 276 -5.89 -5.32 10.24
C ILE A 276 -5.58 -3.93 10.81
N SER A 277 -4.69 -3.21 10.13
CA SER A 277 -4.46 -1.78 10.37
C SER A 277 -4.77 -1.01 9.09
N VAL A 278 -5.46 0.13 9.22
CA VAL A 278 -5.64 1.05 8.10
C VAL A 278 -5.16 2.43 8.56
N PHE A 279 -4.03 2.86 7.98
CA PHE A 279 -3.35 4.09 8.37
C PHE A 279 -3.92 5.29 7.61
N PHE A 280 -3.91 6.45 8.28
CA PHE A 280 -4.35 7.70 7.69
C PHE A 280 -3.56 8.85 8.31
N GLN A 281 -3.70 10.02 7.68
CA GLN A 281 -2.96 11.21 8.10
C GLN A 281 -3.96 12.26 8.61
N ALA A 282 -3.67 12.79 9.81
CA ALA A 282 -4.57 13.70 10.51
C ALA A 282 -3.79 14.93 10.97
N SER A 283 -4.51 15.88 11.56
CA SER A 283 -3.90 17.06 12.15
CA SER A 283 -3.93 17.06 12.18
C SER A 283 -2.80 16.63 13.12
N GLY A 284 -1.73 17.43 13.18
CA GLY A 284 -0.60 17.09 14.03
C GLY A 284 0.73 17.64 13.51
N VAL A 285 1.15 17.29 12.30
CA VAL A 285 0.56 16.33 11.37
C VAL A 285 0.86 14.90 11.87
N SER A 286 -0.17 14.10 12.04
CA SER A 286 -0.03 12.81 12.72
C SER A 286 -0.35 11.64 11.80
N LEU A 287 0.31 10.51 12.10
CA LEU A 287 0.06 9.22 11.48
C LEU A 287 -0.79 8.40 12.46
N GLN A 288 -2.03 8.15 12.04
CA GLN A 288 -3.02 7.47 12.85
C GLN A 288 -3.39 6.15 12.17
N GLN A 289 -4.15 5.31 12.86
CA GLN A 289 -4.66 4.11 12.21
CA GLN A 289 -4.68 4.13 12.22
C GLN A 289 -5.99 3.68 12.85
N TRP A 290 -6.83 3.09 11.99
CA TRP A 290 -7.91 2.25 12.38
C TRP A 290 -7.36 0.85 12.64
N GLN A 291 -7.95 0.17 13.62
CA GLN A 291 -7.58 -1.20 13.95
C GLN A 291 -8.86 -2.03 14.09
N TRP A 292 -8.79 -3.26 13.59
CA TRP A 292 -9.84 -4.25 13.74
CA TRP A 292 -9.88 -4.22 13.79
C TRP A 292 -9.41 -5.27 14.80
N ILE A 293 -10.23 -5.49 15.82
CA ILE A 293 -9.94 -6.47 16.84
C ILE A 293 -11.15 -7.39 16.98
N SER A 294 -10.89 -8.71 16.88
CA SER A 294 -11.91 -9.75 16.98
C SER A 294 -12.65 -9.62 18.32
N GLY A 295 -13.96 -9.35 18.23
CA GLY A 295 -14.86 -9.27 19.39
C GLY A 295 -15.15 -7.84 19.84
N LYS A 296 -14.42 -6.88 19.27
CA LYS A 296 -14.53 -5.45 19.61
C LYS A 296 -15.03 -4.64 18.41
N GLY A 297 -14.45 -4.91 17.23
CA GLY A 297 -14.74 -4.16 16.02
C GLY A 297 -13.63 -3.16 15.72
N TRP A 298 -14.01 -2.06 15.06
CA TRP A 298 -13.09 -1.04 14.59
C TRP A 298 -12.95 0.09 15.61
N SER A 299 -11.73 0.58 15.79
CA SER A 299 -11.46 1.75 16.60
C SER A 299 -10.20 2.44 16.10
N ILE A 300 -10.02 3.71 16.48
CA ILE A 300 -8.79 4.42 16.21
C ILE A 300 -7.77 4.01 17.29
N GLY A 301 -6.60 3.54 16.83
CA GLY A 301 -5.57 3.02 17.72
C GLY A 301 -4.55 4.06 18.13
N ALA A 302 -3.40 3.57 18.62
CA ALA A 302 -2.31 4.42 19.10
C ALA A 302 -1.71 5.21 17.94
N VAL A 303 -1.27 6.43 18.23
CA VAL A 303 -0.66 7.31 17.24
C VAL A 303 0.76 6.80 16.96
N VAL A 304 1.15 6.82 15.69
CA VAL A 304 2.46 6.40 15.26
C VAL A 304 3.39 7.61 15.31
N PRO A 305 4.58 7.53 15.96
CA PRO A 305 5.49 8.67 15.99
C PRO A 305 6.09 8.97 14.61
N THR A 306 6.21 10.26 14.30
CA THR A 306 6.73 10.72 13.01
C THR A 306 7.69 11.90 13.21
N GLY A 307 8.45 11.90 14.31
CA GLY A 307 9.49 12.86 14.53
C GLY A 307 8.98 14.16 15.12
N THR A 308 9.92 14.95 15.67
CA THR A 308 9.66 16.27 16.19
C THR A 308 10.75 17.21 15.68
N PRO A 309 10.40 18.30 14.97
CA PRO A 309 11.44 19.21 14.48
C PRO A 309 12.17 19.91 15.62
N ALA A 310 13.42 20.29 15.35
CA ALA A 310 14.20 21.07 16.28
C ALA A 310 13.45 22.36 16.64
N GLY A 311 13.53 22.73 17.91
CA GLY A 311 12.87 23.92 18.43
C GLY A 311 11.48 23.64 18.97
N TRP A 312 11.10 22.35 19.02
CA TRP A 312 9.82 21.93 19.55
C TRP A 312 10.04 20.75 20.50
C1 NDG B . 19.01 -11.86 -8.26
C2 NDG B . 20.19 -10.94 -8.55
C3 NDG B . 20.96 -10.66 -7.25
C4 NDG B . 20.01 -10.13 -6.18
C5 NDG B . 18.78 -11.02 -6.00
C6 NDG B . 17.76 -10.38 -5.07
C7 NDG B . 21.20 -11.00 -10.78
C8 NDG B . 22.17 -11.71 -11.68
O5 NDG B . 18.17 -11.27 -7.27
O3 NDG B . 21.99 -9.71 -7.52
O4 NDG B . 20.69 -10.01 -4.93
O6 NDG B . 17.30 -9.08 -5.54
O7 NDG B . 20.58 -10.01 -11.18
N2 NDG B . 21.08 -11.51 -9.55
O1 NDG B . 19.47 -13.13 -7.79
C1 FUC B . 16.53 -8.30 -4.63
C2 FUC B . 16.22 -6.98 -5.31
C3 FUC B . 15.28 -7.20 -6.49
C4 FUC B . 14.03 -7.94 -6.00
C5 FUC B . 14.46 -9.26 -5.39
C6 FUC B . 13.30 -10.10 -4.89
O2 FUC B . 17.43 -6.36 -5.76
O3 FUC B . 14.98 -5.95 -7.13
O4 FUC B . 13.33 -7.20 -5.00
O5 FUC B . 15.33 -9.01 -4.29
C1 FUC C . 13.91 -4.10 12.45
C2 FUC C . 13.96 -2.72 11.82
C3 FUC C . 14.34 -2.82 10.35
C4 FUC C . 13.42 -3.80 9.63
C5 FUC C . 13.48 -5.15 10.34
C6 FUC C . 12.57 -6.20 9.73
O1 FUC C . 15.25 -4.58 12.52
O2 FUC C . 14.94 -1.93 12.50
O3 FUC C . 14.31 -1.52 9.74
O4 FUC C . 12.07 -3.35 9.62
O5 FUC C . 13.08 -4.96 11.70
C1 GOL D . 17.23 2.43 10.26
O1 GOL D . 18.53 1.97 9.92
C2 GOL D . 16.22 1.40 9.81
O2 GOL D . 16.43 0.17 10.53
C3 GOL D . 14.80 1.95 9.95
O3 GOL D . 14.39 2.15 11.30
C1 FUC E . 2.95 -13.11 -15.09
C2 FUC E . 2.49 -11.74 -15.55
C3 FUC E . 0.96 -11.63 -15.35
C4 FUC E . 0.60 -11.93 -13.90
C5 FUC E . 1.08 -13.35 -13.60
C6 FUC E . 0.73 -13.80 -12.19
O1 FUC E . 2.45 -14.06 -16.03
O2 FUC E . 2.87 -11.53 -16.93
O3 FUC E . 0.50 -10.34 -15.75
O4 FUC E . 1.27 -11.06 -12.98
O5 FUC E . 2.50 -13.42 -13.76
C1 FUC F . -13.86 -13.48 -8.95
C2 FUC F . -14.24 -12.00 -8.90
C3 FUC F . -14.80 -11.65 -7.53
C4 FUC F . -13.79 -12.03 -6.45
C5 FUC F . -13.52 -13.53 -6.55
C6 FUC F . -12.51 -14.01 -5.52
O1 FUC F . -15.07 -14.22 -8.90
O2 FUC F . -15.18 -11.72 -9.95
O3 FUC F . -15.17 -10.27 -7.48
O4 FUC F . -12.54 -11.35 -6.63
O5 FUC F . -13.00 -13.82 -7.85
C1 FUC G . -15.91 -8.51 8.86
C2 FUC G . -16.10 -7.06 8.45
C3 FUC G . -15.19 -6.15 9.28
C4 FUC G . -13.74 -6.63 9.21
C5 FUC G . -13.69 -8.09 9.65
C6 FUC G . -12.30 -8.71 9.60
O1 FUC G . -16.41 -8.69 10.19
O2 FUC G . -17.47 -6.69 8.63
O3 FUC G . -15.35 -4.80 8.85
O4 FUC G . -13.21 -6.56 7.88
O5 FUC G . -14.53 -8.87 8.80
C1 GOL H . -7.57 11.27 -1.32
O1 GOL H . -7.53 12.29 -0.31
C2 GOL H . -6.25 11.18 -2.09
O2 GOL H . -6.35 10.10 -3.03
C3 GOL H . -5.88 12.48 -2.82
O3 GOL H . -6.93 12.88 -3.72
C1 EDO I . 3.14 19.48 2.39
O1 EDO I . 1.89 19.46 1.70
C2 EDO I . 3.64 20.78 3.05
O2 EDO I . 4.31 20.51 4.33
C1 GOL J . 1.39 -2.02 0.95
O1 GOL J . 1.81 -1.14 -0.11
C2 GOL J . 0.35 -1.29 1.80
O2 GOL J . 0.79 0.05 1.88
C3 GOL J . -0.96 -1.34 0.99
O3 GOL J . -1.97 -0.45 1.47
C1 GOL K . -18.41 -3.52 8.66
O1 GOL K . -17.52 -3.44 9.79
C2 GOL K . -18.06 -2.48 7.60
O2 GOL K . -19.04 -2.52 6.56
C3 GOL K . -18.03 -1.08 8.19
O3 GOL K . -19.35 -0.55 8.35
#